data_3KRV
#
_entry.id   3KRV
#
_cell.length_a   119.096
_cell.length_b   119.096
_cell.length_c   124.413
_cell.angle_alpha   90.00
_cell.angle_beta   90.00
_cell.angle_gamma   90.00
#
_symmetry.space_group_name_H-M   'P 41 21 2'
#
loop_
_entity.id
_entity.type
_entity.pdbx_description
1 polymer Hydrolase
2 non-polymer 'CHLORIDE ION'
3 non-polymer 'SULFATE ION'
4 non-polymer GLYCEROL
5 non-polymer 1,2-ETHANEDIOL
6 non-polymer 'ZINC ION'
7 water water
#
_entity_poly.entity_id   1
_entity_poly.type   'polypeptide(L)'
_entity_poly.pdbx_seq_one_letter_code
;AAMKVYDVTAPIYEGMPVYKNKPEKQPKRTTITNGYVTESRIDMDVHTGTHIDAPLHMVEGGATFETIPLNDLVGPCKLF
DLTHVNDRITKDDIAHLDIQEGDFVLFKTKNSFEDAFHFEFIFVAEDAARYLADKQIRGVGIDALGIERAQEGHPTHKTL
FSAGVIIIEGLRLKDVPEGRYFMVAAPLKLVGTDAAPARVLLFDREP
;
_entity_poly.pdbx_strand_id   A,B
#
loop_
_chem_comp.id
_chem_comp.type
_chem_comp.name
_chem_comp.formula
CL non-polymer 'CHLORIDE ION' 'Cl -1'
EDO non-polymer 1,2-ETHANEDIOL 'C2 H6 O2'
GOL non-polymer GLYCEROL 'C3 H8 O3'
SO4 non-polymer 'SULFATE ION' 'O4 S -2'
ZN non-polymer 'ZINC ION' 'Zn 2'
#
# COMPACT_ATOMS: atom_id res chain seq x y z
N ALA A 2 -0.70 -14.07 -20.35
CA ALA A 2 -1.11 -12.83 -19.59
C ALA A 2 -0.65 -12.87 -18.10
N MET A 3 -0.38 -11.68 -17.56
CA MET A 3 0.24 -11.47 -16.26
C MET A 3 -0.63 -11.99 -15.12
N LYS A 4 -0.06 -12.81 -14.23
CA LYS A 4 -0.72 -13.13 -12.96
C LYS A 4 -0.23 -12.21 -11.84
N VAL A 5 -1.15 -11.80 -10.98
CA VAL A 5 -0.83 -10.97 -9.84
C VAL A 5 -1.15 -11.80 -8.63
N TYR A 6 -0.17 -12.03 -7.76
CA TYR A 6 -0.42 -12.75 -6.51
C TYR A 6 -0.45 -11.83 -5.31
N ASP A 7 -1.56 -11.80 -4.60
CA ASP A 7 -1.59 -11.00 -3.39
C ASP A 7 -0.97 -11.82 -2.23
N VAL A 8 0.16 -11.41 -1.72
CA VAL A 8 0.82 -12.21 -0.70
C VAL A 8 0.81 -11.49 0.67
N THR A 9 -0.24 -10.74 0.96
CA THR A 9 -0.37 -9.91 2.13
C THR A 9 -1.46 -10.45 3.06
N ALA A 10 -1.33 -10.25 4.37
CA ALA A 10 -2.30 -10.79 5.31
C ALA A 10 -3.33 -9.70 5.57
N PRO A 11 -4.60 -10.07 5.75
CA PRO A 11 -5.57 -8.96 6.01
C PRO A 11 -5.49 -8.38 7.43
N ILE A 12 -5.97 -7.15 7.60
CA ILE A 12 -5.85 -6.47 8.88
C ILE A 12 -7.22 -6.24 9.54
N TYR A 13 -7.41 -6.70 10.78
CA TYR A 13 -8.72 -6.59 11.46
C TYR A 13 -8.48 -6.96 12.90
N GLU A 14 -9.35 -6.46 13.79
CA GLU A 14 -9.29 -6.84 15.22
C GLU A 14 -9.51 -8.35 15.37
N GLY A 15 -8.67 -9.00 16.14
CA GLY A 15 -8.74 -10.43 16.31
C GLY A 15 -7.91 -11.20 15.30
N MET A 16 -7.07 -10.50 14.52
CA MET A 16 -6.20 -11.15 13.51
C MET A 16 -5.01 -11.82 14.26
N PRO A 17 -4.22 -12.68 13.63
CA PRO A 17 -3.03 -13.17 14.29
C PRO A 17 -2.00 -12.08 14.52
N VAL A 18 -1.51 -11.97 15.72
CA VAL A 18 -0.45 -11.02 16.02
C VAL A 18 0.62 -11.73 16.83
N TYR A 19 1.76 -11.04 16.98
CA TYR A 19 2.95 -11.62 17.55
C TYR A 19 2.70 -12.11 18.97
N LYS A 20 2.96 -13.38 19.18
CA LYS A 20 2.75 -14.02 20.48
C LYS A 20 1.33 -13.86 21.06
N ASN A 21 0.37 -13.53 20.21
CA ASN A 21 -1.08 -13.42 20.56
C ASN A 21 -1.37 -12.24 21.51
N LYS A 22 -0.42 -11.33 21.64
CA LYS A 22 -0.54 -10.25 22.64
C LYS A 22 -1.67 -9.30 22.24
N PRO A 23 -2.67 -9.15 23.13
CA PRO A 23 -3.82 -8.26 22.90
C PRO A 23 -3.43 -6.83 22.51
N GLU A 24 -2.42 -6.26 23.15
CA GLU A 24 -1.91 -4.91 22.80
C GLU A 24 -1.34 -4.74 21.35
N LYS A 25 -1.13 -5.83 20.63
CA LYS A 25 -0.56 -5.74 19.30
C LYS A 25 -1.63 -5.73 18.26
N GLN A 26 -2.85 -5.97 18.72
CA GLN A 26 -4.05 -5.90 17.88
C GLN A 26 -4.29 -4.48 17.37
N PRO A 27 -4.75 -4.34 16.14
CA PRO A 27 -5.17 -3.01 15.70
C PRO A 27 -6.55 -2.64 16.30
N LYS A 28 -6.93 -1.35 16.32
CA LYS A 28 -8.28 -0.86 16.68
C LYS A 28 -8.84 0.05 15.60
N ARG A 29 -10.07 -0.24 15.15
CA ARG A 29 -10.82 0.62 14.25
C ARG A 29 -11.80 1.50 15.05
N THR A 30 -11.86 2.80 14.77
CA THR A 30 -12.84 3.67 15.42
C THR A 30 -13.67 4.31 14.33
N THR A 31 -14.96 3.99 14.30
CA THR A 31 -15.87 4.63 13.35
C THR A 31 -16.66 5.84 13.93
N ILE A 32 -16.91 6.83 13.09
CA ILE A 32 -17.81 7.93 13.43
C ILE A 32 -18.77 8.17 12.24
N THR A 33 -20.08 8.16 12.54
CA THR A 33 -21.12 8.30 11.51
C THR A 33 -21.99 9.55 11.70
N ASN A 34 -22.27 10.24 10.59
CA ASN A 34 -23.17 11.41 10.55
C ASN A 34 -24.08 11.30 9.32
N GLY A 35 -25.30 10.80 9.52
CA GLY A 35 -26.18 10.50 8.41
C GLY A 35 -25.62 9.36 7.57
N TYR A 36 -25.41 9.63 6.28
CA TYR A 36 -24.88 8.64 5.29
C TYR A 36 -23.32 8.59 5.21
N VAL A 37 -22.63 9.56 5.83
CA VAL A 37 -21.15 9.66 5.90
C VAL A 37 -20.53 8.81 7.04
N THR A 38 -19.78 7.78 6.66
CA THR A 38 -19.01 7.00 7.60
C THR A 38 -17.51 7.31 7.39
N GLU A 39 -16.84 7.65 8.49
CA GLU A 39 -15.37 7.84 8.50
C GLU A 39 -14.70 7.13 9.67
N SER A 40 -13.54 6.52 9.44
CA SER A 40 -12.84 5.87 10.53
C SER A 40 -11.36 6.15 10.64
N ARG A 41 -10.84 5.80 11.79
CA ARG A 41 -9.45 5.83 12.12
C ARG A 41 -8.95 4.41 12.40
N ILE A 42 -7.72 4.14 11.98
CA ILE A 42 -7.12 2.85 12.26
C ILE A 42 -5.93 3.12 13.17
N ASP A 43 -5.84 2.38 14.28
CA ASP A 43 -4.70 2.48 15.18
C ASP A 43 -3.95 1.14 15.18
N MET A 44 -2.75 1.10 14.62
CA MET A 44 -2.07 -0.18 14.49
C MET A 44 -0.58 -0.10 14.78
N ASP A 45 -0.03 -1.20 15.31
CA ASP A 45 1.40 -1.42 15.42
C ASP A 45 2.02 -1.32 14.03
N VAL A 46 3.19 -0.69 13.92
CA VAL A 46 3.85 -0.61 12.61
C VAL A 46 4.31 -1.97 12.10
N HIS A 47 4.33 -2.97 12.97
CA HIS A 47 4.77 -4.34 12.63
C HIS A 47 3.59 -5.30 12.44
N THR A 48 2.43 -4.76 12.14
CA THR A 48 1.23 -5.56 12.01
C THR A 48 1.21 -6.32 10.70
N GLY A 49 0.89 -7.62 10.76
CA GLY A 49 0.60 -8.41 9.56
C GLY A 49 1.81 -8.35 8.66
N THR A 50 1.58 -8.06 7.38
CA THR A 50 2.65 -7.99 6.42
C THR A 50 3.35 -6.65 6.52
N HIS A 51 4.65 -6.67 6.77
CA HIS A 51 5.31 -5.42 7.04
C HIS A 51 6.78 -5.44 6.66
N ILE A 52 7.33 -4.23 6.42
CA ILE A 52 8.75 -4.07 6.09
C ILE A 52 9.49 -3.60 7.37
N ASP A 53 10.70 -4.11 7.61
CA ASP A 53 11.61 -3.62 8.64
C ASP A 53 12.96 -3.32 7.93
N ALA A 54 13.36 -2.05 7.92
CA ALA A 54 14.53 -1.58 7.14
C ALA A 54 15.67 -1.22 8.11
N PRO A 55 16.92 -1.29 7.61
CA PRO A 55 18.00 -0.81 8.48
C PRO A 55 17.73 0.65 8.94
N LEU A 56 18.04 0.97 10.20
CA LEU A 56 17.86 2.32 10.67
C LEU A 56 18.48 3.36 9.76
N HIS A 57 19.60 3.04 9.10
CA HIS A 57 20.32 4.06 8.35
C HIS A 57 19.61 4.48 7.08
N MET A 58 18.61 3.70 6.65
CA MET A 58 17.84 4.05 5.47
C MET A 58 16.89 5.21 5.65
N VAL A 59 16.60 5.57 6.89
CA VAL A 59 15.52 6.51 7.21
C VAL A 59 15.95 7.40 8.38
N GLU A 60 16.22 8.68 8.13
CA GLU A 60 16.58 9.65 9.21
C GLU A 60 17.99 9.41 9.80
N THR A 64 13.66 15.05 6.50
CA THR A 64 12.93 15.47 5.31
C THR A 64 11.55 14.85 5.33
N PHE A 65 10.94 14.65 4.21
CA PHE A 65 9.82 13.75 4.26
C PHE A 65 10.37 12.37 4.02
N GLU A 66 11.34 11.99 4.85
CA GLU A 66 12.15 10.79 4.72
C GLU A 66 11.47 9.48 5.07
N THR A 67 11.44 8.57 4.12
CA THR A 67 10.67 7.35 4.24
C THR A 67 11.48 6.16 3.74
N ILE A 68 11.07 4.93 4.06
CA ILE A 68 11.76 3.76 3.51
C ILE A 68 11.85 3.85 1.96
N PRO A 69 13.06 3.72 1.38
CA PRO A 69 13.13 3.90 -0.07
C PRO A 69 12.64 2.65 -0.80
N LEU A 70 12.26 2.85 -2.05
CA LEU A 70 11.58 1.85 -2.84
C LEU A 70 12.44 1.11 -3.85
N ASN A 71 13.67 1.53 -4.03
CA ASN A 71 14.53 1.01 -5.06
C ASN A 71 14.63 -0.46 -5.04
N ASP A 72 14.55 -1.03 -3.87
CA ASP A 72 14.70 -2.45 -3.70
C ASP A 72 13.41 -3.15 -3.40
N LEU A 73 12.43 -2.42 -2.90
CA LEU A 73 11.17 -3.04 -2.64
C LEU A 73 10.37 -3.22 -3.91
N VAL A 74 10.82 -2.61 -5.01
CA VAL A 74 10.09 -2.72 -6.25
C VAL A 74 11.02 -3.22 -7.35
N GLY A 75 10.86 -4.48 -7.75
CA GLY A 75 11.78 -5.08 -8.68
C GLY A 75 11.80 -6.60 -8.63
N PRO A 76 12.74 -7.21 -9.34
CA PRO A 76 12.75 -8.68 -9.48
C PRO A 76 13.03 -9.36 -8.14
N CYS A 77 12.40 -10.49 -7.85
CA CYS A 77 12.80 -11.25 -6.70
C CYS A 77 12.79 -12.72 -7.07
N LYS A 78 13.16 -13.55 -6.09
CA LYS A 78 13.21 -14.97 -6.24
C LYS A 78 12.52 -15.55 -5.05
N LEU A 79 11.58 -16.44 -5.32
CA LEU A 79 10.91 -17.18 -4.28
C LEU A 79 11.29 -18.68 -4.28
N PHE A 80 11.67 -19.17 -3.12
CA PHE A 80 12.18 -20.53 -2.95
C PHE A 80 11.22 -21.27 -2.09
N ASP A 81 10.96 -22.51 -2.49
CA ASP A 81 10.13 -23.38 -1.73
C ASP A 81 11.04 -24.08 -0.74
N LEU A 82 10.83 -23.74 0.53
CA LEU A 82 11.53 -24.35 1.63
C LEU A 82 10.52 -24.95 2.57
N THR A 83 9.41 -25.47 2.00
CA THR A 83 8.41 -26.17 2.85
C THR A 83 8.90 -27.48 3.49
N HIS A 84 9.97 -28.07 2.95
CA HIS A 84 10.57 -29.26 3.60
C HIS A 84 11.23 -28.97 4.96
N VAL A 85 11.69 -27.73 5.19
CA VAL A 85 12.46 -27.35 6.39
C VAL A 85 11.66 -27.53 7.67
N ASN A 86 12.34 -27.98 8.72
CA ASN A 86 11.71 -28.06 10.04
C ASN A 86 12.41 -27.17 10.97
N ASP A 87 11.67 -26.60 11.88
CA ASP A 87 12.18 -25.67 12.89
C ASP A 87 12.72 -24.33 12.43
N ARG A 88 13.74 -24.32 11.60
CA ARG A 88 14.47 -23.10 11.27
C ARG A 88 15.30 -23.26 9.99
N ILE A 89 15.47 -22.18 9.23
CA ILE A 89 16.32 -22.19 8.04
C ILE A 89 17.79 -22.00 8.44
N THR A 90 18.62 -22.96 8.06
CA THR A 90 20.07 -22.88 8.34
C THR A 90 20.82 -22.62 7.05
N LYS A 91 22.08 -22.23 7.16
CA LYS A 91 22.98 -22.07 5.99
C LYS A 91 22.94 -23.28 5.08
N ASP A 92 22.94 -24.45 5.71
CA ASP A 92 22.86 -25.70 4.97
C ASP A 92 21.60 -25.86 4.10
N ASP A 93 20.49 -25.30 4.51
CA ASP A 93 19.29 -25.39 3.74
C ASP A 93 19.27 -24.44 2.57
N ILE A 94 20.13 -23.44 2.59
CA ILE A 94 20.08 -22.42 1.51
C ILE A 94 21.39 -22.23 0.74
N ALA A 95 22.46 -22.89 1.16
CA ALA A 95 23.78 -22.66 0.51
C ALA A 95 23.88 -23.06 -0.97
N HIS A 96 23.11 -24.04 -1.40
CA HIS A 96 23.26 -24.55 -2.75
C HIS A 96 22.36 -23.72 -3.70
N LEU A 97 21.51 -22.86 -3.14
CA LEU A 97 20.52 -22.16 -3.96
C LEU A 97 21.15 -21.03 -4.80
N ASP A 98 20.52 -20.68 -5.92
CA ASP A 98 21.03 -19.60 -6.78
C ASP A 98 20.66 -18.19 -6.19
N ILE A 99 21.44 -17.74 -5.20
CA ILE A 99 21.26 -16.47 -4.51
C ILE A 99 22.53 -15.63 -4.68
N GLN A 100 22.40 -14.45 -5.32
CA GLN A 100 23.53 -13.55 -5.65
C GLN A 100 23.44 -12.16 -4.99
N GLU A 101 24.58 -11.46 -4.96
CA GLU A 101 24.61 -10.05 -4.59
C GLU A 101 23.48 -9.29 -5.27
N GLY A 102 22.82 -8.38 -4.57
CA GLY A 102 21.75 -7.56 -5.15
C GLY A 102 20.37 -8.20 -5.15
N ASP A 103 20.24 -9.49 -4.81
CA ASP A 103 18.96 -10.21 -4.97
C ASP A 103 17.97 -9.92 -3.85
N PHE A 104 16.69 -10.11 -4.14
CA PHE A 104 15.67 -10.05 -3.11
C PHE A 104 15.06 -11.43 -3.06
N VAL A 105 15.24 -12.13 -1.94
CA VAL A 105 14.78 -13.50 -1.87
C VAL A 105 13.64 -13.67 -0.89
N LEU A 106 12.64 -14.50 -1.26
CA LEU A 106 11.51 -14.80 -0.35
C LEU A 106 11.47 -16.26 -0.01
N PHE A 107 11.16 -16.61 1.23
CA PHE A 107 11.14 -18.02 1.64
C PHE A 107 9.74 -18.48 1.99
N LYS A 108 9.18 -19.33 1.14
CA LYS A 108 7.96 -20.06 1.44
C LYS A 108 8.32 -21.26 2.34
N THR A 109 7.77 -21.30 3.56
CA THR A 109 7.98 -22.35 4.51
C THR A 109 6.63 -22.90 5.02
N LYS A 110 6.65 -23.83 6.00
CA LYS A 110 5.44 -24.37 6.56
C LYS A 110 4.59 -23.25 7.18
N ASN A 111 5.20 -22.10 7.50
CA ASN A 111 4.44 -20.98 8.08
C ASN A 111 3.26 -20.60 7.19
N SER A 112 3.43 -20.74 5.86
CA SER A 112 2.43 -20.27 4.93
C SER A 112 1.18 -21.12 5.01
N PHE A 113 1.33 -22.34 5.55
CA PHE A 113 0.22 -23.29 5.61
C PHE A 113 -0.47 -23.27 6.97
N GLU A 114 -0.10 -22.30 7.79
CA GLU A 114 -0.82 -22.08 9.05
C GLU A 114 -1.42 -20.69 9.04
N ASP A 115 -2.60 -20.56 9.60
CA ASP A 115 -3.32 -19.33 9.58
C ASP A 115 -3.24 -18.57 10.90
N ALA A 116 -3.09 -19.26 12.02
CA ALA A 116 -2.97 -18.58 13.30
C ALA A 116 -1.48 -18.36 13.64
N PHE A 117 -1.20 -17.47 14.58
CA PHE A 117 0.13 -17.43 15.16
C PHE A 117 0.51 -18.77 15.84
N HIS A 118 1.71 -19.28 15.49
CA HIS A 118 2.36 -20.42 16.14
C HIS A 118 3.71 -19.93 16.67
N PHE A 119 3.97 -20.22 17.94
CA PHE A 119 5.22 -19.87 18.57
C PHE A 119 6.48 -20.45 17.95
N GLU A 120 6.40 -21.64 17.43
CA GLU A 120 7.59 -22.24 16.85
C GLU A 120 7.57 -22.17 15.36
N PHE A 121 7.38 -20.98 14.84
CA PHE A 121 7.43 -20.76 13.42
C PHE A 121 8.84 -21.01 12.90
N ILE A 122 8.89 -21.34 11.60
CA ILE A 122 10.12 -21.44 10.85
C ILE A 122 10.72 -20.06 10.72
N PHE A 123 11.94 -19.90 11.22
CA PHE A 123 12.65 -18.61 11.20
C PHE A 123 13.98 -18.75 10.52
N VAL A 124 14.68 -17.65 10.24
CA VAL A 124 16.00 -17.69 9.57
C VAL A 124 17.10 -17.71 10.64
N ALA A 125 17.87 -18.79 10.75
CA ALA A 125 18.92 -18.89 11.81
C ALA A 125 20.11 -18.00 11.57
N GLU A 126 20.86 -17.72 12.63
CA GLU A 126 22.02 -16.87 12.52
C GLU A 126 22.94 -17.27 11.38
N ASP A 127 23.32 -18.52 11.27
CA ASP A 127 24.24 -18.88 10.21
C ASP A 127 23.73 -18.63 8.81
N ALA A 128 22.45 -18.80 8.60
CA ALA A 128 21.86 -18.46 7.32
C ALA A 128 21.76 -16.98 7.14
N ALA A 129 21.41 -16.24 8.18
CA ALA A 129 21.46 -14.77 8.12
C ALA A 129 22.85 -14.26 7.78
N ARG A 130 23.90 -14.74 8.44
CA ARG A 130 25.28 -14.25 8.17
C ARG A 130 25.71 -14.55 6.73
N TYR A 131 25.31 -15.73 6.24
CA TYR A 131 25.57 -16.09 4.86
C TYR A 131 24.90 -15.11 3.88
N LEU A 132 23.62 -14.82 4.13
CA LEU A 132 22.86 -13.90 3.31
C LEU A 132 23.40 -12.47 3.42
N ALA A 133 23.67 -12.02 4.65
CA ALA A 133 24.30 -10.71 4.89
C ALA A 133 25.60 -10.57 4.12
N ASP A 134 26.47 -11.57 4.26
CA ASP A 134 27.80 -11.51 3.66
C ASP A 134 27.71 -11.61 2.14
N LYS A 135 26.64 -12.18 1.62
CA LYS A 135 26.45 -12.26 0.20
C LYS A 135 26.05 -10.92 -0.36
N GLN A 136 25.42 -10.14 0.47
CA GLN A 136 25.04 -8.80 0.11
C GLN A 136 23.83 -8.77 -0.79
N ILE A 137 22.88 -9.62 -0.47
CA ILE A 137 21.51 -9.54 -1.04
C ILE A 137 20.90 -8.17 -0.64
N ARG A 138 19.82 -7.78 -1.27
N ARG A 138 19.82 -7.75 -1.29
CA ARG A 138 19.26 -6.51 -0.95
CA ARG A 138 19.23 -6.45 -0.97
C ARG A 138 18.03 -6.65 -0.07
C ARG A 138 17.96 -6.60 -0.12
N GLY A 139 17.45 -7.83 -0.01
CA GLY A 139 16.28 -8.09 0.83
C GLY A 139 15.90 -9.55 1.04
N VAL A 140 15.21 -9.80 2.15
CA VAL A 140 14.73 -11.14 2.42
C VAL A 140 13.32 -11.09 3.04
N GLY A 141 12.43 -11.93 2.52
CA GLY A 141 11.07 -12.03 3.08
C GLY A 141 10.82 -13.40 3.66
N ILE A 142 10.06 -13.43 4.75
CA ILE A 142 9.68 -14.66 5.41
C ILE A 142 8.14 -14.60 5.62
N ASP A 143 7.53 -15.77 5.83
CA ASP A 143 6.09 -15.88 5.87
C ASP A 143 5.60 -16.15 7.29
N ALA A 144 6.40 -15.77 8.27
CA ALA A 144 5.93 -15.70 9.67
C ALA A 144 6.00 -14.24 10.07
N LEU A 145 5.36 -13.88 11.17
CA LEU A 145 5.33 -12.48 11.58
C LEU A 145 6.68 -11.99 12.07
N GLY A 146 7.59 -12.89 12.39
CA GLY A 146 8.98 -12.50 12.73
C GLY A 146 9.98 -13.37 11.98
N ILE A 147 11.13 -12.81 11.64
CA ILE A 147 12.13 -13.57 10.90
C ILE A 147 13.06 -14.31 11.87
N GLU A 148 12.95 -14.03 13.16
CA GLU A 148 13.83 -14.61 14.17
C GLU A 148 13.09 -14.95 15.47
N ARG A 149 13.48 -16.04 16.10
CA ARG A 149 13.15 -16.32 17.52
C ARG A 149 14.28 -17.21 18.10
N ALA A 150 14.23 -17.48 19.41
CA ALA A 150 15.13 -18.44 20.07
C ALA A 150 16.61 -18.10 19.87
N GLN A 151 16.92 -16.80 19.72
CA GLN A 151 18.30 -16.31 19.58
C GLN A 151 18.51 -15.01 20.35
N GLU A 152 19.05 -15.07 21.57
CA GLU A 152 19.33 -13.87 22.38
C GLU A 152 20.06 -12.80 21.62
N GLY A 153 19.59 -11.56 21.71
CA GLY A 153 20.29 -10.44 21.15
C GLY A 153 20.04 -10.24 19.67
N HIS A 154 19.09 -11.00 19.12
CA HIS A 154 18.60 -10.77 17.75
C HIS A 154 19.71 -10.71 16.67
N PRO A 155 20.61 -11.71 16.67
CA PRO A 155 21.68 -11.72 15.70
C PRO A 155 21.28 -11.78 14.25
N THR A 156 20.16 -12.43 13.91
CA THR A 156 19.71 -12.47 12.55
C THR A 156 19.39 -11.05 12.06
N HIS A 157 18.64 -10.28 12.85
CA HIS A 157 18.28 -8.91 12.44
C HIS A 157 19.53 -8.06 12.29
N LYS A 158 20.40 -8.13 13.28
CA LYS A 158 21.56 -7.27 13.34
C LYS A 158 22.57 -7.54 12.24
N THR A 159 22.81 -8.81 11.88
CA THR A 159 23.70 -9.05 10.77
C THR A 159 23.13 -8.59 9.45
N LEU A 160 21.82 -8.80 9.25
CA LEU A 160 21.19 -8.45 8.01
C LEU A 160 21.21 -6.95 7.92
N PHE A 161 20.90 -6.26 9.02
CA PHE A 161 20.94 -4.76 9.00
C PHE A 161 22.32 -4.14 8.79
N SER A 162 23.33 -4.70 9.44
CA SER A 162 24.67 -4.26 9.16
C SER A 162 24.97 -4.25 7.64
N ALA A 163 24.58 -5.32 6.95
CA ALA A 163 24.81 -5.41 5.51
C ALA A 163 23.85 -4.56 4.67
N GLY A 164 22.89 -3.90 5.30
CA GLY A 164 21.95 -3.11 4.53
C GLY A 164 20.77 -3.86 3.88
N VAL A 165 20.50 -5.08 4.34
CA VAL A 165 19.32 -5.84 3.92
C VAL A 165 18.02 -5.41 4.57
N ILE A 166 17.01 -5.17 3.74
CA ILE A 166 15.64 -4.91 4.15
C ILE A 166 14.94 -6.22 4.38
N ILE A 167 14.11 -6.27 5.41
CA ILE A 167 13.44 -7.50 5.78
C ILE A 167 11.93 -7.28 5.59
N ILE A 168 11.26 -8.22 4.96
CA ILE A 168 9.81 -8.30 4.97
C ILE A 168 9.36 -9.45 5.82
N GLU A 169 8.43 -9.20 6.71
CA GLU A 169 7.84 -10.20 7.57
C GLU A 169 6.33 -10.33 7.31
N GLY A 170 5.76 -11.47 7.62
CA GLY A 170 4.35 -11.69 7.45
C GLY A 170 3.81 -11.82 6.05
N LEU A 171 4.56 -12.45 5.18
CA LEU A 171 4.10 -12.74 3.86
C LEU A 171 3.19 -13.92 3.89
N ARG A 172 2.41 -14.10 2.84
CA ARG A 172 1.48 -15.19 2.74
C ARG A 172 1.74 -15.84 1.42
N LEU A 173 2.56 -16.87 1.40
CA LEU A 173 3.10 -17.42 0.18
C LEU A 173 2.56 -18.76 -0.24
N LYS A 174 1.54 -19.20 0.43
CA LYS A 174 0.86 -20.46 0.20
C LYS A 174 0.51 -20.78 -1.23
N ASP A 175 -0.07 -19.85 -1.94
CA ASP A 175 -0.50 -20.13 -3.27
C ASP A 175 0.49 -19.73 -4.33
N VAL A 176 1.74 -19.56 -3.99
CA VAL A 176 2.70 -19.06 -4.96
C VAL A 176 3.76 -20.07 -5.33
N PRO A 177 3.85 -20.42 -6.59
CA PRO A 177 4.90 -21.39 -6.99
C PRO A 177 6.32 -20.83 -6.89
N GLU A 178 7.28 -21.65 -6.46
CA GLU A 178 8.70 -21.38 -6.64
C GLU A 178 8.98 -20.75 -8.01
N GLY A 179 9.86 -19.74 -8.03
CA GLY A 179 10.13 -19.06 -9.32
C GLY A 179 10.54 -17.61 -9.20
N ARG A 180 10.63 -16.96 -10.34
CA ARG A 180 10.97 -15.56 -10.39
C ARG A 180 9.71 -14.73 -10.46
N TYR A 181 9.73 -13.59 -9.75
CA TYR A 181 8.62 -12.63 -9.80
C TYR A 181 9.15 -11.22 -9.93
N PHE A 182 8.28 -10.33 -10.43
CA PHE A 182 8.45 -8.92 -10.21
C PHE A 182 7.64 -8.55 -8.94
N MET A 183 8.31 -8.01 -7.93
CA MET A 183 7.65 -7.73 -6.67
C MET A 183 7.40 -6.25 -6.55
N VAL A 184 6.23 -5.92 -6.01
CA VAL A 184 5.94 -4.54 -5.60
C VAL A 184 5.62 -4.68 -4.13
N ALA A 185 6.55 -4.27 -3.27
CA ALA A 185 6.30 -4.30 -1.83
C ALA A 185 6.15 -2.88 -1.38
N ALA A 186 4.89 -2.45 -1.21
CA ALA A 186 4.58 -1.00 -1.14
C ALA A 186 4.18 -0.63 0.28
N PRO A 187 5.13 -0.12 1.08
CA PRO A 187 4.81 0.17 2.49
C PRO A 187 4.02 1.47 2.64
N LEU A 188 3.24 1.56 3.70
CA LEU A 188 2.63 2.83 4.16
C LEU A 188 3.69 3.92 4.21
N LYS A 189 3.46 5.00 3.47
CA LYS A 189 4.44 6.08 3.29
C LYS A 189 4.57 6.97 4.53
N LEU A 190 4.87 6.34 5.67
CA LEU A 190 5.00 7.01 6.96
C LEU A 190 6.40 7.62 7.16
N VAL A 191 6.46 8.92 7.29
CA VAL A 191 7.72 9.62 7.54
C VAL A 191 8.40 9.17 8.83
N GLY A 192 9.72 9.00 8.79
CA GLY A 192 10.49 8.75 10.00
C GLY A 192 10.51 7.32 10.53
N THR A 193 9.63 6.44 10.11
CA THR A 193 9.69 5.09 10.67
C THR A 193 10.59 4.15 9.81
N ASP A 194 11.34 3.28 10.47
CA ASP A 194 12.12 2.30 9.73
C ASP A 194 11.36 1.00 9.56
N ALA A 195 10.13 0.97 10.04
CA ALA A 195 9.24 -0.20 9.96
C ALA A 195 7.81 0.27 9.56
N ALA A 196 7.13 -0.44 8.65
CA ALA A 196 5.82 0.00 8.20
C ALA A 196 4.97 -1.18 7.65
N PRO A 197 3.64 -1.13 7.84
CA PRO A 197 2.77 -2.13 7.19
C PRO A 197 2.91 -1.95 5.72
N ALA A 198 2.69 -3.02 4.94
CA ALA A 198 2.94 -2.99 3.47
C ALA A 198 1.86 -3.79 2.76
N ARG A 199 1.58 -3.49 1.50
CA ARG A 199 0.82 -4.40 0.63
C ARG A 199 1.84 -4.91 -0.35
N VAL A 200 2.03 -6.23 -0.37
CA VAL A 200 3.06 -6.86 -1.20
C VAL A 200 2.38 -7.69 -2.28
N LEU A 201 2.71 -7.43 -3.54
CA LEU A 201 2.15 -8.12 -4.68
C LEU A 201 3.28 -8.72 -5.48
N LEU A 202 3.05 -9.91 -6.02
CA LEU A 202 4.01 -10.56 -6.90
C LEU A 202 3.42 -10.72 -8.29
N PHE A 203 4.17 -10.36 -9.32
CA PHE A 203 3.74 -10.44 -10.69
C PHE A 203 4.53 -11.49 -11.43
N ASP A 204 3.84 -12.28 -12.22
CA ASP A 204 4.42 -13.25 -13.16
C ASP A 204 5.65 -12.82 -13.95
N ARG A 205 6.56 -13.80 -14.09
CA ARG A 205 7.96 -13.61 -14.63
C ARG A 205 8.50 -12.14 -14.60
N ALA B 2 14.89 1.95 -20.16
CA ALA B 2 14.75 1.49 -18.72
C ALA B 2 13.56 2.13 -17.97
N MET B 3 12.68 1.26 -17.50
CA MET B 3 11.42 1.64 -16.86
C MET B 3 11.52 2.62 -15.68
N LYS B 4 10.64 3.63 -15.68
CA LYS B 4 10.56 4.60 -14.58
C LYS B 4 9.33 4.34 -13.75
N VAL B 5 9.50 4.47 -12.47
CA VAL B 5 8.44 4.35 -11.51
C VAL B 5 8.29 5.71 -10.91
N TYR B 6 7.05 6.21 -10.94
CA TYR B 6 6.71 7.45 -10.27
C TYR B 6 5.87 7.08 -9.07
N ASP B 7 6.35 7.51 -7.91
CA ASP B 7 5.61 7.38 -6.67
C ASP B 7 4.68 8.60 -6.59
N VAL B 8 3.37 8.37 -6.51
CA VAL B 8 2.44 9.53 -6.55
C VAL B 8 1.64 9.64 -5.24
N THR B 9 2.32 9.30 -4.14
CA THR B 9 1.71 9.14 -2.86
C THR B 9 2.19 10.27 -1.94
N ALA B 10 1.27 10.88 -1.20
CA ALA B 10 1.67 11.94 -0.26
C ALA B 10 2.39 11.36 0.97
N PRO B 11 3.37 12.08 1.51
CA PRO B 11 3.95 11.52 2.74
C PRO B 11 2.98 11.69 3.89
N ILE B 12 3.03 10.79 4.87
CA ILE B 12 2.24 10.87 6.08
C ILE B 12 3.11 11.28 7.31
N TYR B 13 2.68 12.35 8.01
CA TYR B 13 3.36 12.83 9.21
C TYR B 13 2.43 13.75 10.04
N GLU B 14 2.66 13.87 11.36
CA GLU B 14 1.95 14.88 12.18
C GLU B 14 2.26 16.27 11.65
N GLY B 15 1.21 17.00 11.29
CA GLY B 15 1.34 18.34 10.74
C GLY B 15 1.13 18.46 9.24
N MET B 16 0.74 17.35 8.60
CA MET B 16 0.57 17.29 7.14
C MET B 16 -0.71 18.01 6.71
N PRO B 17 -0.79 18.35 5.42
CA PRO B 17 -2.10 18.80 4.92
C PRO B 17 -3.18 17.74 5.21
N VAL B 18 -4.25 18.17 5.88
CA VAL B 18 -5.43 17.35 6.13
C VAL B 18 -6.68 18.09 5.72
N TYR B 19 -7.79 17.37 5.54
CA TYR B 19 -9.03 17.92 5.01
C TYR B 19 -9.58 19.07 5.88
N LYS B 20 -9.84 20.22 5.23
CA LYS B 20 -10.33 21.46 5.85
C LYS B 20 -9.49 21.93 7.03
N ASN B 21 -8.22 21.50 7.06
CA ASN B 21 -7.28 21.76 8.15
C ASN B 21 -7.70 21.30 9.55
N LYS B 22 -8.68 20.41 9.67
CA LYS B 22 -9.11 19.92 11.01
C LYS B 22 -8.03 19.19 11.87
N PRO B 23 -7.70 19.75 13.06
CA PRO B 23 -6.67 19.08 13.87
C PRO B 23 -6.99 17.64 14.30
N GLU B 24 -8.25 17.24 14.30
CA GLU B 24 -8.58 15.85 14.65
C GLU B 24 -8.38 14.87 13.47
N LYS B 25 -8.11 15.43 12.29
CA LYS B 25 -7.80 14.64 11.12
C LYS B 25 -6.29 14.30 11.01
N GLN B 26 -5.48 14.91 11.87
CA GLN B 26 -4.05 14.66 11.90
C GLN B 26 -3.74 13.22 12.33
N PRO B 27 -2.70 12.64 11.78
CA PRO B 27 -2.24 11.34 12.21
C PRO B 27 -1.44 11.46 13.47
N LYS B 28 -1.28 10.36 14.17
CA LYS B 28 -0.59 10.35 15.44
C LYS B 28 0.31 9.14 15.59
N ARG B 29 1.58 9.37 15.84
CA ARG B 29 2.57 8.30 16.04
C ARG B 29 2.89 8.16 17.51
N THR B 30 3.11 6.94 17.98
CA THR B 30 3.31 6.72 19.40
C THR B 30 4.39 5.70 19.55
N THR B 31 5.44 6.05 20.28
CA THR B 31 6.51 5.11 20.60
C THR B 31 6.57 4.86 22.09
N ILE B 32 6.67 3.59 22.47
CA ILE B 32 6.68 3.19 23.87
C ILE B 32 7.93 2.35 24.18
N THR B 33 9.06 3.03 24.29
CA THR B 33 10.31 2.40 24.74
C THR B 33 10.56 2.59 26.25
N GLU B 39 8.43 -0.68 20.05
CA GLU B 39 6.97 -0.67 20.31
C GLU B 39 6.30 0.61 19.77
N SER B 40 5.88 0.53 18.51
CA SER B 40 5.52 1.73 17.81
C SER B 40 4.17 1.62 17.06
N ARG B 41 3.32 2.63 17.15
CA ARG B 41 1.97 2.61 16.54
C ARG B 41 1.70 3.86 15.71
N ILE B 42 0.84 3.70 14.72
CA ILE B 42 0.31 4.80 13.93
C ILE B 42 -1.22 4.78 14.10
N ASP B 43 -1.78 5.95 14.43
CA ASP B 43 -3.22 6.17 14.56
C ASP B 43 -3.54 7.21 13.50
N MET B 44 -4.34 6.85 12.49
CA MET B 44 -4.62 7.72 11.36
C MET B 44 -6.02 7.53 10.82
N ASP B 45 -6.55 8.60 10.21
CA ASP B 45 -7.82 8.57 9.50
C ASP B 45 -7.64 7.80 8.21
N VAL B 46 -8.53 6.88 7.92
CA VAL B 46 -8.38 6.09 6.68
C VAL B 46 -8.48 6.93 5.43
N HIS B 47 -8.89 8.19 5.53
CA HIS B 47 -8.92 9.13 4.38
C HIS B 47 -7.73 10.11 4.44
N THR B 48 -6.67 9.77 5.19
CA THR B 48 -5.43 10.57 5.16
C THR B 48 -4.74 10.44 3.82
N GLY B 49 -4.15 11.54 3.34
CA GLY B 49 -3.23 11.53 2.19
C GLY B 49 -3.77 10.76 1.01
N THR B 50 -2.92 10.00 0.32
CA THR B 50 -3.36 9.20 -0.80
C THR B 50 -4.14 8.00 -0.30
N HIS B 51 -5.37 7.84 -0.79
CA HIS B 51 -6.20 6.73 -0.29
C HIS B 51 -7.27 6.34 -1.28
N ILE B 52 -7.89 5.18 -1.04
CA ILE B 52 -8.97 4.67 -1.86
C ILE B 52 -10.25 4.72 -1.00
N ASP B 53 -11.38 5.18 -1.54
CA ASP B 53 -12.63 5.22 -0.77
C ASP B 53 -13.31 3.88 -0.97
N ALA B 54 -13.96 3.38 0.08
CA ALA B 54 -14.86 2.23 -0.12
C ALA B 54 -16.35 2.77 -0.17
N PRO B 55 -17.24 2.10 -0.95
CA PRO B 55 -18.64 2.61 -0.99
C PRO B 55 -19.23 2.95 0.40
N LEU B 56 -18.89 2.19 1.42
CA LEU B 56 -19.40 2.43 2.75
C LEU B 56 -19.22 3.82 3.26
N HIS B 57 -18.19 4.47 2.79
CA HIS B 57 -17.95 5.88 3.11
C HIS B 57 -19.19 6.82 2.92
N MET B 58 -19.92 6.67 1.80
CA MET B 58 -21.09 7.51 1.46
C MET B 58 -22.45 6.75 1.42
N VAL B 59 -22.41 5.42 1.50
CA VAL B 59 -23.60 4.58 1.40
C VAL B 59 -23.76 3.73 2.68
N GLU B 60 -24.79 3.98 3.50
CA GLU B 60 -25.03 3.13 4.69
C GLU B 60 -25.22 1.62 4.35
N GLY B 61 -24.58 0.75 5.15
CA GLY B 61 -24.40 -0.69 4.75
C GLY B 61 -23.72 -0.93 3.40
N GLY B 62 -22.96 0.07 2.92
CA GLY B 62 -22.26 -0.02 1.63
C GLY B 62 -21.08 -0.98 1.68
N ALA B 63 -20.70 -1.50 0.52
CA ALA B 63 -19.53 -2.35 0.42
C ALA B 63 -18.28 -1.68 1.12
N THR B 64 -17.60 -2.48 1.91
CA THR B 64 -16.39 -2.09 2.59
C THR B 64 -15.14 -2.45 1.81
N PHE B 65 -14.00 -2.09 2.36
CA PHE B 65 -12.77 -2.08 1.61
C PHE B 65 -12.24 -3.34 0.92
N GLU B 66 -12.37 -4.48 1.57
CA GLU B 66 -11.87 -5.71 1.01
C GLU B 66 -12.63 -6.17 -0.21
N THR B 67 -13.75 -5.51 -0.47
CA THR B 67 -14.59 -5.83 -1.63
C THR B 67 -14.07 -5.17 -2.89
N ILE B 68 -13.19 -4.17 -2.73
CA ILE B 68 -12.55 -3.56 -3.90
C ILE B 68 -11.69 -4.65 -4.57
N PRO B 69 -11.96 -4.94 -5.86
CA PRO B 69 -11.14 -5.99 -6.49
C PRO B 69 -9.74 -5.47 -6.83
N LEU B 70 -8.76 -6.07 -6.17
CA LEU B 70 -7.38 -5.75 -6.40
C LEU B 70 -6.98 -5.73 -7.88
N ASN B 71 -7.58 -6.56 -8.73
CA ASN B 71 -7.23 -6.53 -10.18
C ASN B 71 -7.68 -5.23 -10.84
N ASP B 72 -8.66 -4.54 -10.28
CA ASP B 72 -9.00 -3.22 -10.81
C ASP B 72 -7.96 -2.13 -10.48
N LEU B 73 -7.20 -2.34 -9.39
CA LEU B 73 -6.23 -1.40 -8.87
C LEU B 73 -4.85 -1.60 -9.50
N VAL B 74 -4.72 -2.68 -10.25
CA VAL B 74 -3.46 -3.00 -10.88
C VAL B 74 -3.73 -3.14 -12.38
N GLY B 75 -3.06 -2.38 -13.20
CA GLY B 75 -3.37 -2.42 -14.62
C GLY B 75 -3.21 -1.06 -15.29
N PRO B 76 -3.43 -1.02 -16.58
CA PRO B 76 -3.24 0.19 -17.36
C PRO B 76 -4.09 1.32 -16.89
N CYS B 77 -3.58 2.52 -16.98
CA CYS B 77 -4.41 3.66 -16.69
C CYS B 77 -4.00 4.81 -17.60
N LYS B 78 -4.76 5.91 -17.52
CA LYS B 78 -4.52 7.08 -18.31
C LYS B 78 -4.50 8.28 -17.41
N LEU B 79 -3.40 9.02 -17.49
CA LEU B 79 -3.25 10.28 -16.76
C LEU B 79 -3.50 11.45 -17.72
N PHE B 80 -4.46 12.30 -17.37
CA PHE B 80 -4.81 13.48 -18.18
C PHE B 80 -4.40 14.78 -17.54
N ASP B 81 -3.92 15.68 -18.34
CA ASP B 81 -3.57 16.97 -17.85
C ASP B 81 -4.75 17.91 -17.89
N LEU B 82 -5.25 18.30 -16.74
CA LEU B 82 -6.38 19.20 -16.63
C LEU B 82 -6.01 20.31 -15.73
N THR B 83 -4.74 20.72 -15.83
CA THR B 83 -4.16 21.74 -14.95
C THR B 83 -4.55 23.12 -15.45
N HIS B 84 -5.09 23.20 -16.67
CA HIS B 84 -5.57 24.49 -17.14
C HIS B 84 -6.96 24.85 -16.54
N VAL B 85 -7.67 23.86 -16.00
CA VAL B 85 -9.03 24.02 -15.53
C VAL B 85 -9.06 24.90 -14.28
N ASN B 86 -10.15 25.65 -14.08
CA ASN B 86 -10.38 26.35 -12.81
C ASN B 86 -11.64 25.90 -12.07
N ASP B 87 -11.58 25.95 -10.75
CA ASP B 87 -12.68 25.60 -9.85
C ASP B 87 -13.09 24.13 -9.83
N ARG B 88 -13.43 23.56 -10.97
N ARG B 88 -13.46 23.57 -10.97
CA ARG B 88 -13.95 22.18 -11.05
CA ARG B 88 -14.00 22.20 -11.05
C ARG B 88 -13.75 21.58 -12.44
C ARG B 88 -13.84 21.58 -12.44
N ILE B 89 -13.86 20.26 -12.50
CA ILE B 89 -13.84 19.57 -13.77
C ILE B 89 -15.29 19.26 -14.15
N THR B 90 -15.71 19.82 -15.28
CA THR B 90 -17.07 19.63 -15.78
C THR B 90 -17.04 18.61 -16.91
N LYS B 91 -18.20 18.14 -17.34
CA LYS B 91 -18.32 17.28 -18.51
C LYS B 91 -17.65 17.91 -19.73
N ASP B 92 -17.80 19.22 -19.88
CA ASP B 92 -17.24 19.90 -21.06
C ASP B 92 -15.69 19.85 -21.09
N ASP B 93 -15.06 19.79 -19.92
CA ASP B 93 -13.59 19.65 -19.80
C ASP B 93 -13.08 18.28 -20.23
N ILE B 94 -13.94 17.27 -20.21
CA ILE B 94 -13.47 15.90 -20.48
C ILE B 94 -14.15 15.13 -21.61
N ALA B 95 -15.25 15.67 -22.13
CA ALA B 95 -16.00 15.07 -23.23
C ALA B 95 -15.15 14.62 -24.44
N HIS B 96 -14.07 15.35 -24.74
CA HIS B 96 -13.29 15.07 -25.95
C HIS B 96 -12.16 14.05 -25.72
N LEU B 97 -11.90 13.70 -24.46
CA LEU B 97 -10.75 12.83 -24.14
C LEU B 97 -11.06 11.38 -24.50
N ASP B 98 -10.01 10.64 -24.85
CA ASP B 98 -10.16 9.23 -25.16
C ASP B 98 -10.37 8.43 -23.87
N ILE B 99 -11.62 8.39 -23.41
CA ILE B 99 -12.04 7.70 -22.19
C ILE B 99 -13.03 6.57 -22.52
N GLN B 100 -12.60 5.32 -22.40
CA GLN B 100 -13.40 4.14 -22.80
C GLN B 100 -13.95 3.38 -21.58
N GLU B 101 -14.75 2.35 -21.82
CA GLU B 101 -15.27 1.45 -20.77
C GLU B 101 -14.12 0.65 -20.12
N GLY B 102 -14.12 0.57 -18.79
CA GLY B 102 -13.05 -0.14 -18.08
C GLY B 102 -11.70 0.57 -17.90
N ASP B 103 -11.57 1.81 -18.39
CA ASP B 103 -10.35 2.60 -18.17
C ASP B 103 -10.22 3.03 -16.72
N PHE B 104 -8.97 3.19 -16.25
CA PHE B 104 -8.75 3.88 -14.97
C PHE B 104 -8.16 5.24 -15.31
N VAL B 105 -8.89 6.30 -14.99
CA VAL B 105 -8.44 7.62 -15.40
C VAL B 105 -8.01 8.50 -14.23
N LEU B 106 -6.93 9.23 -14.45
CA LEU B 106 -6.32 10.02 -13.40
C LEU B 106 -6.27 11.44 -13.89
N PHE B 107 -6.67 12.36 -13.02
CA PHE B 107 -6.72 13.73 -13.43
C PHE B 107 -5.69 14.55 -12.69
N LYS B 108 -4.73 15.11 -13.42
CA LYS B 108 -3.80 16.06 -12.84
C LYS B 108 -4.40 17.48 -12.91
N THR B 109 -4.47 18.19 -11.79
CA THR B 109 -5.03 19.53 -11.75
C THR B 109 -4.12 20.54 -11.05
N LYS B 110 -4.58 21.77 -10.88
CA LYS B 110 -3.80 22.76 -10.19
C LYS B 110 -3.42 22.27 -8.80
N ASN B 111 -4.21 21.35 -8.22
CA ASN B 111 -3.96 20.85 -6.88
C ASN B 111 -2.59 20.21 -6.71
N SER B 112 -2.12 19.50 -7.74
CA SER B 112 -0.83 18.83 -7.69
C SER B 112 0.30 19.82 -7.46
N PHE B 113 0.08 21.11 -7.72
CA PHE B 113 1.15 22.09 -7.53
C PHE B 113 0.97 22.88 -6.22
N GLU B 114 0.15 22.39 -5.33
CA GLU B 114 -0.01 23.01 -4.05
C GLU B 114 0.39 22.05 -2.97
N ASP B 115 1.15 22.54 -2.02
CA ASP B 115 1.59 21.74 -0.89
C ASP B 115 0.61 21.78 0.27
N ALA B 116 -0.01 22.93 0.54
CA ALA B 116 -0.92 23.04 1.68
C ALA B 116 -2.32 22.68 1.25
N PHE B 117 -3.20 22.40 2.22
CA PHE B 117 -4.63 22.25 1.90
C PHE B 117 -5.25 23.59 1.42
N HIS B 118 -6.04 23.52 0.34
CA HIS B 118 -6.82 24.66 -0.18
C HIS B 118 -8.33 24.37 -0.16
N PHE B 119 -9.13 25.25 0.43
CA PHE B 119 -10.59 25.04 0.45
C PHE B 119 -11.24 24.98 -0.93
N GLU B 120 -10.72 25.76 -1.89
CA GLU B 120 -11.33 25.81 -3.22
C GLU B 120 -10.62 24.89 -4.21
N PHE B 121 -10.39 23.64 -3.81
CA PHE B 121 -9.62 22.69 -4.64
C PHE B 121 -10.38 22.25 -5.89
N ILE B 122 -9.66 21.82 -6.92
CA ILE B 122 -10.31 21.34 -8.13
C ILE B 122 -10.96 19.97 -7.89
N PHE B 123 -12.27 19.89 -8.09
CA PHE B 123 -13.01 18.68 -7.77
C PHE B 123 -13.69 18.20 -9.01
N VAL B 124 -14.22 16.97 -8.98
CA VAL B 124 -14.95 16.44 -10.15
C VAL B 124 -16.42 16.79 -9.98
N ALA B 125 -16.97 17.57 -10.91
CA ALA B 125 -18.35 18.04 -10.78
C ALA B 125 -19.35 16.93 -11.13
N GLU B 126 -20.53 17.05 -10.51
CA GLU B 126 -21.69 16.17 -10.77
C GLU B 126 -21.90 15.80 -12.23
N ASP B 127 -21.86 16.76 -13.16
CA ASP B 127 -22.09 16.40 -14.55
C ASP B 127 -20.98 15.53 -15.13
N ALA B 128 -19.73 15.81 -14.74
CA ALA B 128 -18.56 14.98 -15.12
C ALA B 128 -18.62 13.60 -14.46
N ALA B 129 -19.04 13.56 -13.20
CA ALA B 129 -19.18 12.26 -12.56
C ALA B 129 -20.20 11.41 -13.35
N ARG B 130 -21.37 12.00 -13.67
CA ARG B 130 -22.42 11.30 -14.45
C ARG B 130 -21.93 10.80 -15.81
N TYR B 131 -21.25 11.67 -16.56
CA TYR B 131 -20.58 11.25 -17.80
C TYR B 131 -19.65 10.04 -17.62
N LEU B 132 -18.87 10.03 -16.52
CA LEU B 132 -17.90 8.92 -16.26
C LEU B 132 -18.60 7.63 -15.86
N ALA B 133 -19.56 7.72 -14.94
CA ALA B 133 -20.43 6.56 -14.66
C ALA B 133 -21.01 5.94 -15.96
N ASP B 134 -21.54 6.73 -16.88
CA ASP B 134 -22.13 6.16 -18.11
C ASP B 134 -21.11 5.53 -19.04
N LYS B 135 -19.85 5.96 -18.97
CA LYS B 135 -18.79 5.34 -19.76
C LYS B 135 -18.39 3.98 -19.18
N GLN B 136 -18.76 3.74 -17.91
N GLN B 136 -18.79 3.74 -17.92
CA GLN B 136 -18.41 2.49 -17.22
CA GLN B 136 -18.43 2.53 -17.13
C GLN B 136 -16.88 2.35 -17.11
C GLN B 136 -16.92 2.34 -17.04
N ILE B 137 -16.23 3.39 -16.59
CA ILE B 137 -14.81 3.32 -16.30
C ILE B 137 -14.68 2.45 -15.05
N ARG B 138 -13.54 1.78 -14.86
CA ARG B 138 -13.34 1.03 -13.61
C ARG B 138 -12.90 1.91 -12.44
N GLY B 139 -12.25 3.05 -12.74
CA GLY B 139 -11.84 3.96 -11.65
C GLY B 139 -11.41 5.36 -12.05
N VAL B 140 -11.45 6.27 -11.07
CA VAL B 140 -11.02 7.64 -11.27
C VAL B 140 -10.10 8.09 -10.10
N GLY B 141 -9.01 8.74 -10.44
CA GLY B 141 -8.20 9.35 -9.41
C GLY B 141 -8.07 10.84 -9.55
N ILE B 142 -8.08 11.52 -8.42
CA ILE B 142 -7.94 12.96 -8.36
C ILE B 142 -6.76 13.34 -7.39
N ASP B 143 -6.17 14.52 -7.60
CA ASP B 143 -5.07 14.95 -6.79
C ASP B 143 -5.51 15.90 -5.69
N ALA B 144 -6.78 15.82 -5.27
CA ALA B 144 -7.21 16.54 -4.08
C ALA B 144 -7.56 15.57 -2.96
N LEU B 145 -7.52 16.01 -1.70
CA LEU B 145 -7.86 15.14 -0.59
C LEU B 145 -9.28 14.61 -0.63
N GLY B 146 -10.13 15.21 -1.47
CA GLY B 146 -11.52 14.79 -1.68
C GLY B 146 -11.89 14.96 -3.16
N ILE B 147 -12.72 14.09 -3.71
CA ILE B 147 -13.10 14.22 -5.10
C ILE B 147 -14.30 15.20 -5.31
N GLU B 148 -14.79 15.79 -4.22
CA GLU B 148 -16.03 16.53 -4.23
C GLU B 148 -16.12 17.61 -3.16
N ARG B 149 -16.68 18.77 -3.51
CA ARG B 149 -17.03 19.82 -2.54
C ARG B 149 -18.14 20.73 -3.12
N ALA B 150 -18.80 21.52 -2.27
CA ALA B 150 -19.83 22.49 -2.74
C ALA B 150 -20.96 21.85 -3.56
N GLN B 151 -21.35 20.64 -3.18
CA GLN B 151 -22.42 19.91 -3.86
C GLN B 151 -23.21 19.13 -2.78
N GLU B 152 -24.25 19.78 -2.24
CA GLU B 152 -25.06 19.21 -1.14
C GLU B 152 -25.55 17.80 -1.50
N GLY B 153 -25.51 16.88 -0.52
CA GLY B 153 -25.86 15.47 -0.76
C GLY B 153 -24.81 14.56 -1.42
N HIS B 154 -23.61 15.10 -1.70
CA HIS B 154 -22.51 14.34 -2.30
C HIS B 154 -22.84 13.53 -3.56
N PRO B 155 -23.48 14.16 -4.57
CA PRO B 155 -23.82 13.42 -5.80
C PRO B 155 -22.66 12.80 -6.56
N THR B 156 -21.46 13.38 -6.46
CA THR B 156 -20.30 12.81 -7.14
C THR B 156 -19.88 11.45 -6.57
N HIS B 157 -19.70 11.34 -5.25
CA HIS B 157 -19.38 10.02 -4.67
C HIS B 157 -20.48 8.99 -5.05
N LYS B 158 -21.73 9.32 -4.73
CA LYS B 158 -22.92 8.47 -5.02
C LYS B 158 -23.07 8.03 -6.48
N THR B 159 -23.03 8.97 -7.43
CA THR B 159 -23.09 8.59 -8.85
C THR B 159 -22.00 7.57 -9.18
N LEU B 160 -20.76 7.88 -8.72
CA LEU B 160 -19.60 7.04 -8.95
C LEU B 160 -19.69 5.68 -8.23
N PHE B 161 -20.05 5.71 -6.95
CA PHE B 161 -20.29 4.46 -6.23
C PHE B 161 -21.37 3.60 -6.91
N SER B 162 -22.52 4.18 -7.28
CA SER B 162 -23.59 3.39 -7.92
C SER B 162 -23.15 2.68 -9.19
N ALA B 163 -22.18 3.24 -9.91
CA ALA B 163 -21.71 2.60 -11.15
C ALA B 163 -20.55 1.61 -10.94
N GLY B 164 -20.23 1.30 -9.68
CA GLY B 164 -19.05 0.47 -9.38
C GLY B 164 -17.68 1.11 -9.70
N VAL B 165 -17.60 2.45 -9.75
CA VAL B 165 -16.35 3.12 -10.07
C VAL B 165 -15.53 3.31 -8.79
N ILE B 166 -14.29 2.83 -8.81
CA ILE B 166 -13.35 3.06 -7.69
C ILE B 166 -12.86 4.53 -7.63
N ILE B 167 -12.80 5.06 -6.42
CA ILE B 167 -12.30 6.41 -6.17
C ILE B 167 -10.94 6.38 -5.45
N ILE B 168 -9.91 6.90 -6.13
CA ILE B 168 -8.66 7.30 -5.49
C ILE B 168 -8.59 8.82 -5.31
N GLU B 169 -8.35 9.23 -4.09
CA GLU B 169 -8.07 10.62 -3.78
C GLU B 169 -6.66 10.82 -3.22
N GLY B 170 -6.21 12.08 -3.20
CA GLY B 170 -4.90 12.42 -2.60
C GLY B 170 -3.68 12.14 -3.49
N LEU B 171 -3.89 11.91 -4.77
CA LEU B 171 -2.75 11.74 -5.67
C LEU B 171 -1.76 12.94 -5.64
N ARG B 172 -0.46 12.66 -5.80
CA ARG B 172 0.50 13.77 -6.03
C ARG B 172 1.13 13.60 -7.39
N LEU B 173 0.72 14.45 -8.34
CA LEU B 173 1.01 14.12 -9.73
C LEU B 173 1.90 15.14 -10.44
N LYS B 174 2.43 16.13 -9.73
CA LYS B 174 3.21 17.19 -10.40
C LYS B 174 4.43 16.73 -11.18
N ASP B 175 4.96 15.53 -10.87
CA ASP B 175 6.18 15.07 -11.55
C ASP B 175 5.96 14.03 -12.65
N VAL B 176 4.71 13.74 -12.99
CA VAL B 176 4.42 12.69 -13.95
C VAL B 176 3.87 13.28 -15.26
N PRO B 177 4.55 13.05 -16.39
CA PRO B 177 4.03 13.60 -17.67
C PRO B 177 2.66 13.01 -18.04
N GLU B 178 1.79 13.78 -18.69
CA GLU B 178 0.53 13.25 -19.26
C GLU B 178 0.83 11.98 -20.06
N GLY B 179 0.01 10.94 -19.90
CA GLY B 179 0.07 9.79 -20.79
C GLY B 179 -0.42 8.48 -20.18
N ARG B 180 -0.04 7.37 -20.82
CA ARG B 180 -0.43 6.02 -20.40
C ARG B 180 0.56 5.42 -19.38
N TYR B 181 0.02 4.78 -18.34
CA TYR B 181 0.87 4.15 -17.33
C TYR B 181 0.36 2.77 -17.01
N PHE B 182 1.20 1.96 -16.39
CA PHE B 182 0.70 0.76 -15.70
C PHE B 182 0.70 1.20 -14.24
N MET B 183 -0.47 1.18 -13.62
CA MET B 183 -0.63 1.67 -12.26
C MET B 183 -0.61 0.49 -11.30
N VAL B 184 0.06 0.64 -10.17
CA VAL B 184 -0.20 -0.28 -9.09
C VAL B 184 -0.66 0.58 -7.92
N ALA B 185 -1.93 0.48 -7.56
CA ALA B 185 -2.43 1.21 -6.40
C ALA B 185 -2.59 0.21 -5.29
N ALA B 186 -1.68 0.27 -4.32
CA ALA B 186 -1.55 -0.85 -3.39
C ALA B 186 -1.98 -0.40 -2.01
N PRO B 187 -3.25 -0.65 -1.63
CA PRO B 187 -3.63 -0.13 -0.31
C PRO B 187 -3.32 -1.12 0.81
N LEU B 188 -3.22 -0.64 2.05
CA LEU B 188 -3.22 -1.57 3.17
C LEU B 188 -4.43 -2.44 3.09
N LYS B 189 -4.26 -3.69 3.50
CA LYS B 189 -5.31 -4.66 3.32
C LYS B 189 -6.31 -4.62 4.46
N LEU B 190 -6.95 -3.47 4.64
CA LEU B 190 -7.98 -3.32 5.72
C LEU B 190 -9.30 -4.08 5.44
N VAL B 191 -9.86 -4.62 6.51
CA VAL B 191 -11.11 -5.33 6.41
C VAL B 191 -12.21 -4.51 7.03
N GLY B 192 -13.30 -4.36 6.27
CA GLY B 192 -14.52 -3.67 6.75
C GLY B 192 -14.44 -2.15 6.95
N THR B 193 -13.55 -1.47 6.22
CA THR B 193 -13.40 0.01 6.35
C THR B 193 -13.96 0.80 5.16
N ASP B 194 -14.14 2.10 5.38
CA ASP B 194 -14.68 3.01 4.39
C ASP B 194 -13.65 3.53 3.40
N ALA B 195 -12.40 3.27 3.67
CA ALA B 195 -11.30 3.63 2.81
C ALA B 195 -10.08 2.95 3.37
N ALA B 196 -8.99 3.07 2.63
CA ALA B 196 -7.69 2.58 3.08
C ALA B 196 -6.60 3.46 2.50
N PRO B 197 -5.62 3.84 3.30
CA PRO B 197 -4.45 4.54 2.75
C PRO B 197 -3.81 3.69 1.67
N ALA B 198 -3.45 4.29 0.54
CA ALA B 198 -2.84 3.50 -0.51
C ALA B 198 -1.48 4.02 -0.90
N ARG B 199 -0.54 3.14 -1.25
CA ARG B 199 0.70 3.56 -1.87
C ARG B 199 0.55 3.39 -3.38
N VAL B 200 0.60 4.49 -4.15
CA VAL B 200 0.27 4.36 -5.54
C VAL B 200 1.49 4.63 -6.39
N LEU B 201 1.72 3.77 -7.37
CA LEU B 201 2.90 3.91 -8.20
C LEU B 201 2.48 3.78 -9.62
N LEU B 202 3.21 4.48 -10.47
CA LEU B 202 2.91 4.54 -11.88
C LEU B 202 4.17 4.13 -12.65
N PHE B 203 4.04 3.12 -13.51
CA PHE B 203 5.18 2.62 -14.27
C PHE B 203 5.00 3.03 -15.74
N ASP B 204 6.05 3.38 -16.44
CA ASP B 204 5.82 3.77 -17.81
C ASP B 204 5.95 2.64 -18.80
N ARG B 205 5.78 1.43 -18.32
CA ARG B 205 5.54 0.28 -19.15
C ARG B 205 5.14 -0.83 -18.24
N GLU B 206 4.53 -1.89 -18.73
CA GLU B 206 4.23 -2.99 -17.81
C GLU B 206 5.53 -3.60 -17.31
N PRO B 207 5.57 -4.08 -16.09
CA PRO B 207 6.85 -4.60 -15.59
C PRO B 207 7.03 -6.12 -15.76
CL CL C . -7.90 -4.55 -0.54
CL CL D . 16.65 -19.23 -14.10
CL CL E . 11.85 6.19 -2.67
S SO4 F . 5.41 -24.39 11.98
O1 SO4 F . 5.14 -22.98 11.66
O2 SO4 F . 4.75 -25.31 11.04
O3 SO4 F . 6.85 -24.66 11.89
O4 SO4 F . 4.94 -24.60 13.35
S SO4 G . 15.26 -32.14 9.79
O1 SO4 G . 14.69 -32.44 11.09
O2 SO4 G . 15.21 -33.30 8.94
O3 SO4 G . 14.57 -31.05 9.12
O4 SO4 G . 16.63 -31.73 10.02
S SO4 H . 3.79 -9.32 27.87
O1 SO4 H . 3.84 -9.42 29.34
O2 SO4 H . 4.18 -10.59 27.25
O3 SO4 H . 2.42 -8.92 27.55
O4 SO4 H . 4.64 -8.27 27.30
S SO4 I . -3.66 -23.09 11.63
O1 SO4 I . -4.27 -22.94 10.28
O2 SO4 I . -2.99 -21.86 12.09
O3 SO4 I . -4.60 -23.28 12.72
O4 SO4 I . -2.75 -24.26 11.52
S SO4 J . 11.96 -15.70 21.83
O1 SO4 J . 12.00 -15.13 23.19
O2 SO4 J . 12.62 -17.01 21.86
O3 SO4 J . 10.56 -15.84 21.45
O4 SO4 J . 12.60 -14.79 20.88
C1 GOL K . 13.51 -19.62 -7.74
O1 GOL K . 13.81 -21.01 -7.74
C2 GOL K . 14.08 -18.93 -8.99
O2 GOL K . 13.96 -19.72 -10.16
C3 GOL K . 15.50 -18.39 -8.82
O3 GOL K . 16.52 -19.23 -9.36
C1 EDO L . 0.84 -15.38 10.74
O1 EDO L . 0.89 -16.82 10.87
C2 EDO L . -0.54 -15.00 10.12
O2 EDO L . -0.70 -13.65 9.63
ZN ZN M . -11.62 9.72 0.93
CL CL N . 4.44 15.90 -1.80
CL CL O . -9.50 -9.30 -7.37
CL CL P . -3.57 9.50 -22.24
CL CL Q . -11.75 26.41 -17.09
CL CL R . -0.95 6.89 1.86
S SO4 S . -18.10 21.81 1.12
O1 SO4 S . -18.52 22.18 2.47
O2 SO4 S . -18.35 22.88 0.15
O3 SO4 S . -16.67 21.56 1.17
O4 SO4 S . -18.84 20.61 0.68
S SO4 T . 1.00 26.03 -1.42
O1 SO4 T . 1.15 26.77 -0.15
O2 SO4 T . 0.76 26.87 -2.59
O3 SO4 T . -0.18 25.18 -1.26
O4 SO4 T . 2.22 25.24 -1.65
S SO4 U . -2.44 6.47 -27.85
O1 SO4 U . -2.92 7.81 -27.66
O2 SO4 U . -3.53 5.53 -27.70
O3 SO4 U . -1.42 6.22 -26.86
O4 SO4 U . -1.88 6.33 -29.16
C1 GOL V . -7.34 29.10 -2.05
O1 GOL V . -6.53 29.69 -1.06
C2 GOL V . -8.23 28.12 -1.31
O2 GOL V . -9.33 27.81 -2.11
C3 GOL V . -8.63 28.72 0.02
O3 GOL V . -7.85 28.01 0.93
#